data_4KKV
#
_entry.id   4KKV
#
_cell.length_a   80.257
_cell.length_b   80.257
_cell.length_c   78.169
_cell.angle_alpha   90.00
_cell.angle_beta   90.00
_cell.angle_gamma   120.00
#
_symmetry.space_group_name_H-M   'P 32 2 1'
#
loop_
_entity.id
_entity.type
_entity.pdbx_description
1 polymer 'Similar to uniprot|P38913 Saccharomyces cerevisiae YDL045c FAD synthetase'
2 non-polymer beta-D-glucopyranose
3 non-polymer 'CHLORIDE ION'
4 water water
#
_entity_poly.entity_id   1
_entity_poly.type   'polypeptide(L)'
_entity_poly.pdbx_seq_one_letter_code
;GAMVMRLGDAAELCYNLTSSYLQIAAESDSIIAQTQRAINTTKSILINETFPKWSPLNGEISFSYNGGKDCQVLLLLYLS
CLWEYYIVKLSQSQFDGKFHRFPLTKLPTVFIDHDDTFKTLENFIEETSLRYSLSLYESDRDKCETMAEAFETFLQVFPE
TKAIVIGIRHTDPFGEHLKPIQKTAANWPDFYRLQPLLHWNLANIWSFLLYSNEPICELYRYGFTSLGNVEETLPNPHLR
KDKNSTPLKLNFEWEIENRYKHNEVTKAEPIPIADEDLVKIENLHEDYYPGWYLVDDKLERAGRIKKK
;
_entity_poly.pdbx_strand_id   A
#
loop_
_chem_comp.id
_chem_comp.type
_chem_comp.name
_chem_comp.formula
BGC D-saccharide, beta linking beta-D-glucopyranose 'C6 H12 O6'
CL non-polymer 'CHLORIDE ION' 'Cl -1'
#
# COMPACT_ATOMS: atom_id res chain seq x y z
N GLY A 1 -8.96 15.26 -16.24
CA GLY A 1 -9.31 13.83 -16.05
C GLY A 1 -8.58 13.20 -14.88
N ALA A 2 -9.08 13.42 -13.68
CA ALA A 2 -8.58 12.73 -12.51
C ALA A 2 -9.68 11.79 -12.11
N MET A 3 -9.37 10.50 -12.11
CA MET A 3 -10.36 9.52 -11.75
C MET A 3 -10.73 9.70 -10.27
N VAL A 4 -11.99 10.00 -10.03
CA VAL A 4 -12.51 10.17 -8.68
C VAL A 4 -13.65 9.21 -8.49
N MET A 5 -13.58 8.43 -7.40
CA MET A 5 -14.70 7.62 -6.97
C MET A 5 -15.17 8.10 -5.61
N ARG A 6 -16.49 8.20 -5.44
CA ARG A 6 -17.07 8.39 -4.13
C ARG A 6 -16.64 7.20 -3.28
N LEU A 7 -16.53 7.41 -1.97
CA LEU A 7 -15.98 6.39 -1.07
C LEU A 7 -16.71 5.05 -1.18
N GLY A 8 -18.04 5.08 -1.21
CA GLY A 8 -18.82 3.85 -1.36
C GLY A 8 -18.53 3.07 -2.62
N ASP A 9 -18.42 3.76 -3.75
CA ASP A 9 -18.05 3.15 -5.03
C ASP A 9 -16.63 2.58 -4.99
N ALA A 10 -15.73 3.29 -4.33
CA ALA A 10 -14.35 2.82 -4.19
C ALA A 10 -14.32 1.52 -3.37
N ALA A 11 -15.06 1.51 -2.27
CA ALA A 11 -15.18 0.33 -1.41
C ALA A 11 -15.81 -0.85 -2.16
N GLU A 12 -16.87 -0.60 -2.90
CA GLU A 12 -17.50 -1.67 -3.68
C GLU A 12 -16.56 -2.23 -4.74
N LEU A 13 -15.85 -1.34 -5.43
CA LEU A 13 -14.86 -1.74 -6.42
C LEU A 13 -13.83 -2.68 -5.79
N CYS A 14 -13.30 -2.27 -4.64
CA CYS A 14 -12.24 -3.06 -3.98
C CYS A 14 -12.79 -4.42 -3.51
N TYR A 15 -14.04 -4.43 -3.04
CA TYR A 15 -14.68 -5.70 -2.68
C TYR A 15 -14.79 -6.61 -3.91
N ASN A 16 -15.22 -6.05 -5.03
CA ASN A 16 -15.38 -6.84 -6.25
C ASN A 16 -14.07 -7.39 -6.78
N LEU A 17 -13.01 -6.58 -6.83
CA LEU A 17 -11.75 -7.09 -7.37
C LEU A 17 -11.10 -8.10 -6.41
N THR A 18 -11.31 -7.93 -5.11
CA THR A 18 -10.75 -8.82 -4.11
C THR A 18 -11.47 -10.18 -4.18
N SER A 19 -12.79 -10.13 -4.26
CA SER A 19 -13.60 -11.33 -4.43
C SER A 19 -13.22 -12.04 -5.73
N SER A 20 -13.02 -11.28 -6.81
CA SER A 20 -12.60 -11.83 -8.08
CA SER A 20 -12.61 -11.85 -8.08
C SER A 20 -11.24 -12.53 -7.96
N TYR A 21 -10.30 -11.89 -7.25
CA TYR A 21 -9.00 -12.51 -7.03
C TYR A 21 -9.16 -13.85 -6.29
N LEU A 22 -10.05 -13.85 -5.29
CA LEU A 22 -10.28 -15.06 -4.50
C LEU A 22 -10.92 -16.19 -5.32
N GLN A 23 -11.52 -15.85 -6.46
CA GLN A 23 -12.14 -16.84 -7.33
C GLN A 23 -11.22 -17.37 -8.44
N ILE A 24 -9.99 -16.86 -8.50
CA ILE A 24 -9.02 -17.34 -9.49
C ILE A 24 -8.71 -18.81 -9.26
N ALA A 25 -8.70 -19.57 -10.34
CA ALA A 25 -8.39 -20.98 -10.31
C ALA A 25 -6.88 -21.15 -10.22
N ALA A 26 -6.40 -21.69 -9.10
CA ALA A 26 -4.97 -21.84 -8.90
C ALA A 26 -4.61 -23.12 -8.16
N GLU A 27 -3.42 -23.64 -8.47
CA GLU A 27 -2.94 -24.84 -7.81
CA GLU A 27 -2.86 -24.84 -7.84
C GLU A 27 -2.38 -24.51 -6.43
N SER A 28 -2.36 -25.52 -5.57
CA SER A 28 -2.05 -25.33 -4.15
C SER A 28 -0.63 -24.87 -3.86
N ASP A 29 0.28 -25.02 -4.80
CA ASP A 29 1.67 -24.60 -4.61
C ASP A 29 2.03 -23.31 -5.36
N SER A 30 1.00 -22.56 -5.75
CA SER A 30 1.19 -21.36 -6.57
C SER A 30 1.27 -20.11 -5.71
N ILE A 31 1.89 -19.07 -6.26
CA ILE A 31 1.86 -17.75 -5.65
C ILE A 31 0.42 -17.24 -5.51
N ILE A 32 -0.42 -17.45 -6.53
CA ILE A 32 -1.80 -16.98 -6.45
C ILE A 32 -2.55 -17.62 -5.27
N ALA A 33 -2.40 -18.95 -5.09
CA ALA A 33 -3.05 -19.61 -3.96
C ALA A 33 -2.57 -19.05 -2.63
N GLN A 34 -1.27 -18.84 -2.52
CA GLN A 34 -0.69 -18.30 -1.31
C GLN A 34 -1.21 -16.91 -1.03
N THR A 35 -1.39 -16.13 -2.09
CA THR A 35 -1.94 -14.79 -1.95
C THR A 35 -3.40 -14.83 -1.50
N GLN A 36 -4.18 -15.76 -2.05
CA GLN A 36 -5.56 -15.96 -1.61
C GLN A 36 -5.60 -16.25 -0.11
N ARG A 37 -4.71 -17.14 0.35
CA ARG A 37 -4.61 -17.45 1.78
C ARG A 37 -4.27 -16.20 2.60
N ALA A 38 -3.36 -15.37 2.09
CA ALA A 38 -2.96 -14.14 2.77
C ALA A 38 -4.14 -13.15 2.82
N ILE A 39 -4.89 -13.05 1.74
CA ILE A 39 -6.10 -12.22 1.72
C ILE A 39 -7.09 -12.65 2.79
N ASN A 40 -7.35 -13.96 2.87
CA ASN A 40 -8.30 -14.49 3.85
C ASN A 40 -7.89 -14.20 5.29
N THR A 41 -6.60 -14.30 5.58
CA THR A 41 -6.09 -13.94 6.90
C THR A 41 -6.26 -12.44 7.20
N THR A 42 -5.93 -11.60 6.21
CA THR A 42 -6.14 -10.16 6.35
C THR A 42 -7.62 -9.83 6.58
N LYS A 43 -8.50 -10.42 5.79
CA LYS A 43 -9.94 -10.23 5.99
C LYS A 43 -10.40 -10.60 7.40
N SER A 44 -9.92 -11.74 7.90
CA SER A 44 -10.29 -12.18 9.23
CA SER A 44 -10.30 -12.18 9.23
C SER A 44 -9.85 -11.18 10.28
N ILE A 45 -8.62 -10.70 10.16
CA ILE A 45 -8.10 -9.73 11.11
C ILE A 45 -8.99 -8.49 11.14
N LEU A 46 -9.40 -7.99 9.98
CA LEU A 46 -10.17 -6.76 9.92
C LEU A 46 -11.63 -6.99 10.33
N ILE A 47 -12.26 -7.97 9.71
CA ILE A 47 -13.70 -8.17 9.89
C ILE A 47 -13.99 -8.80 11.24
N ASN A 48 -13.18 -9.76 11.67
CA ASN A 48 -13.43 -10.48 12.92
C ASN A 48 -12.77 -9.86 14.14
N GLU A 49 -11.54 -9.34 13.99
CA GLU A 49 -10.78 -8.87 15.15
C GLU A 49 -10.77 -7.35 15.34
N THR A 50 -11.01 -6.58 14.28
CA THR A 50 -10.79 -5.15 14.34
C THR A 50 -12.11 -4.37 14.41
N PHE A 51 -12.92 -4.48 13.36
CA PHE A 51 -14.14 -3.68 13.26
C PHE A 51 -15.14 -3.88 14.42
N PRO A 52 -15.21 -5.08 15.01
CA PRO A 52 -16.08 -5.23 16.17
C PRO A 52 -15.62 -4.46 17.42
N LYS A 53 -14.34 -4.10 17.46
CA LYS A 53 -13.75 -3.40 18.60
C LYS A 53 -13.62 -1.89 18.38
N TRP A 54 -13.23 -1.49 17.16
CA TRP A 54 -13.07 -0.07 16.85
C TRP A 54 -13.87 0.28 15.59
N SER A 55 -14.60 1.39 15.64
CA SER A 55 -15.44 1.82 14.52
CA SER A 55 -15.44 1.82 14.52
C SER A 55 -14.60 2.45 13.41
N PRO A 56 -14.77 1.97 12.16
CA PRO A 56 -14.10 2.67 11.06
C PRO A 56 -14.87 3.88 10.52
N LEU A 57 -15.99 4.21 11.16
CA LEU A 57 -16.90 5.26 10.70
C LEU A 57 -16.76 6.59 11.45
N ASN A 58 -16.69 6.50 12.78
N ASN A 58 -16.51 6.50 12.75
CA ASN A 58 -16.89 7.66 13.65
CA ASN A 58 -16.44 7.67 13.62
C ASN A 58 -15.61 8.39 14.09
C ASN A 58 -15.09 8.40 13.61
N GLY A 59 -14.48 7.98 13.47
N GLY A 59 -14.06 7.80 13.04
CA GLY A 59 -13.18 8.61 13.72
CA GLY A 59 -12.73 8.33 13.24
C GLY A 59 -12.20 7.77 14.53
C GLY A 59 -12.08 7.69 14.44
N GLU A 60 -12.65 6.59 14.94
CA GLU A 60 -11.89 5.74 15.88
C GLU A 60 -10.67 5.13 15.18
N ILE A 61 -10.79 4.87 13.88
CA ILE A 61 -9.69 4.32 13.09
C ILE A 61 -9.22 5.31 12.02
N SER A 62 -7.92 5.55 11.98
CA SER A 62 -7.31 6.26 10.85
C SER A 62 -6.38 5.29 10.11
N PHE A 63 -6.09 5.59 8.85
CA PHE A 63 -5.30 4.73 8.00
C PHE A 63 -4.00 5.43 7.68
N SER A 64 -2.87 4.82 8.00
CA SER A 64 -1.57 5.40 7.67
C SER A 64 -1.17 4.96 6.26
N TYR A 65 -1.10 5.92 5.35
CA TYR A 65 -0.91 5.65 3.93
C TYR A 65 0.28 6.45 3.41
N ASN A 66 1.27 5.75 2.84
CA ASN A 66 2.48 6.42 2.35
C ASN A 66 2.71 6.22 0.85
N GLY A 67 1.66 5.77 0.16
CA GLY A 67 1.68 5.61 -1.30
C GLY A 67 2.42 4.40 -1.85
N GLY A 68 3.14 3.68 -0.99
CA GLY A 68 3.92 2.53 -1.41
C GLY A 68 3.05 1.31 -1.62
N LYS A 69 3.64 0.31 -2.24
CA LYS A 69 2.92 -0.90 -2.62
C LYS A 69 2.24 -1.63 -1.46
N ASP A 70 2.87 -1.65 -0.30
CA ASP A 70 2.30 -2.34 0.86
C ASP A 70 1.07 -1.60 1.37
N CYS A 71 1.21 -0.29 1.53
CA CYS A 71 0.07 0.54 1.90
C CYS A 71 -1.06 0.47 0.89
N GLN A 72 -0.72 0.42 -0.40
CA GLN A 72 -1.75 0.38 -1.42
C GLN A 72 -2.52 -0.93 -1.38
N VAL A 73 -1.82 -2.07 -1.32
CA VAL A 73 -2.51 -3.36 -1.18
C VAL A 73 -3.40 -3.33 0.06
N LEU A 74 -2.87 -2.87 1.18
CA LEU A 74 -3.65 -2.85 2.41
C LEU A 74 -4.88 -1.94 2.31
N LEU A 75 -4.74 -0.80 1.65
CA LEU A 75 -5.88 0.10 1.48
C LEU A 75 -6.98 -0.59 0.64
N LEU A 76 -6.60 -1.27 -0.43
CA LEU A 76 -7.58 -2.00 -1.25
C LEU A 76 -8.33 -3.03 -0.40
N LEU A 77 -7.59 -3.79 0.41
CA LEU A 77 -8.21 -4.80 1.26
C LEU A 77 -9.07 -4.19 2.37
N TYR A 78 -8.60 -3.08 2.94
CA TYR A 78 -9.33 -2.35 3.96
C TYR A 78 -10.65 -1.84 3.39
N LEU A 79 -10.61 -1.21 2.22
CA LEU A 79 -11.84 -0.75 1.56
C LEU A 79 -12.79 -1.92 1.24
N SER A 80 -12.24 -3.03 0.74
CA SER A 80 -13.03 -4.25 0.51
C SER A 80 -13.73 -4.69 1.80
N CYS A 81 -13.00 -4.68 2.91
CA CYS A 81 -13.55 -5.12 4.19
C CYS A 81 -14.62 -4.17 4.75
N LEU A 82 -14.45 -2.87 4.51
CA LEU A 82 -15.48 -1.90 4.89
C LEU A 82 -16.78 -2.21 4.16
N TRP A 83 -16.68 -2.47 2.85
CA TRP A 83 -17.87 -2.87 2.08
C TRP A 83 -18.48 -4.15 2.62
N GLU A 84 -17.64 -5.16 2.81
CA GLU A 84 -18.13 -6.47 3.23
C GLU A 84 -18.82 -6.39 4.59
N TYR A 85 -18.25 -5.60 5.49
CA TYR A 85 -18.72 -5.53 6.86
C TYR A 85 -20.06 -4.82 6.94
N TYR A 86 -20.19 -3.72 6.21
CA TYR A 86 -21.37 -2.86 6.34
C TYR A 86 -22.49 -3.19 5.35
N ILE A 87 -22.15 -3.75 4.20
CA ILE A 87 -23.14 -4.07 3.16
C ILE A 87 -23.38 -5.57 3.04
N VAL A 88 -22.31 -6.33 2.80
CA VAL A 88 -22.43 -7.76 2.54
C VAL A 88 -22.72 -8.52 3.83
N PHE A 102 -23.87 3.94 2.07
N PHE A 102 -24.24 2.35 2.01
CA PHE A 102 -22.54 3.95 2.67
CA PHE A 102 -22.91 2.57 2.58
C PHE A 102 -22.34 5.20 3.52
C PHE A 102 -22.94 3.77 3.52
N PRO A 103 -22.12 5.01 4.83
N PRO A 103 -22.67 3.53 4.81
CA PRO A 103 -22.05 6.11 5.80
CA PRO A 103 -22.84 4.51 5.88
C PRO A 103 -20.64 6.68 5.99
C PRO A 103 -21.66 5.44 6.11
N LEU A 104 -20.14 7.38 4.98
N LEU A 104 -20.51 5.13 5.51
CA LEU A 104 -18.88 8.09 5.09
CA LEU A 104 -19.30 5.89 5.74
C LEU A 104 -18.53 8.70 3.74
C LEU A 104 -19.14 7.05 4.77
N THR A 105 -18.10 9.96 3.77
N THR A 105 -18.80 8.22 5.28
CA THR A 105 -17.77 10.69 2.55
CA THR A 105 -18.54 9.38 4.43
C THR A 105 -16.27 10.61 2.27
C THR A 105 -17.12 9.88 4.64
N LYS A 106 -15.47 10.65 3.32
N LYS A 106 -16.44 9.33 5.64
CA LYS A 106 -14.03 10.55 3.18
CA LYS A 106 -15.05 9.71 5.94
C LYS A 106 -13.41 9.77 4.34
C LYS A 106 -14.12 8.51 5.99
N LEU A 107 -12.44 8.93 4.03
N LEU A 107 -13.03 8.59 5.23
CA LEU A 107 -11.82 8.04 5.02
CA LEU A 107 -11.91 7.67 5.34
C LEU A 107 -10.61 8.71 5.68
C LEU A 107 -10.69 8.48 5.74
N PRO A 108 -10.57 8.80 7.03
CA PRO A 108 -9.41 9.49 7.61
C PRO A 108 -8.09 8.77 7.37
N THR A 109 -7.17 9.49 6.76
CA THR A 109 -5.92 8.95 6.31
C THR A 109 -4.83 9.88 6.81
N VAL A 110 -3.70 9.31 7.18
CA VAL A 110 -2.55 10.07 7.65
C VAL A 110 -1.29 9.65 6.87
N PHE A 111 -0.55 10.65 6.37
CA PHE A 111 0.72 10.46 5.70
C PHE A 111 1.79 11.25 6.44
N ILE A 112 2.84 10.56 6.89
CA ILE A 112 4.01 11.22 7.47
C ILE A 112 4.96 11.59 6.33
N ASP A 113 4.95 12.87 5.98
CA ASP A 113 5.72 13.39 4.86
C ASP A 113 7.16 13.67 5.30
N HIS A 114 8.09 13.65 4.35
CA HIS A 114 9.50 13.95 4.61
C HIS A 114 10.07 14.79 3.50
N ASP A 115 11.11 15.57 3.80
CA ASP A 115 11.67 16.50 2.81
C ASP A 115 12.44 15.80 1.69
N ASP A 116 12.68 14.50 1.83
CA ASP A 116 13.44 13.73 0.84
C ASP A 116 12.61 12.63 0.17
N THR A 117 11.30 12.85 0.10
CA THR A 117 10.36 11.94 -0.56
C THR A 117 10.44 12.12 -2.09
N PHE A 118 10.31 11.02 -2.83
CA PHE A 118 10.23 11.08 -4.29
C PHE A 118 9.02 11.92 -4.71
N LYS A 119 9.22 12.81 -5.67
CA LYS A 119 8.12 13.62 -6.19
C LYS A 119 7.00 12.75 -6.75
N THR A 120 7.36 11.68 -7.46
CA THR A 120 6.34 10.78 -8.03
C THR A 120 5.48 10.16 -6.93
N LEU A 121 6.09 9.87 -5.78
CA LEU A 121 5.35 9.34 -4.66
C LEU A 121 4.41 10.40 -4.08
N GLU A 122 4.88 11.64 -3.90
CA GLU A 122 4.00 12.74 -3.48
C GLU A 122 2.80 12.85 -4.43
N ASN A 123 3.08 12.87 -5.73
CA ASN A 123 2.00 12.93 -6.73
C ASN A 123 1.01 11.79 -6.58
N PHE A 124 1.55 10.58 -6.37
CA PHE A 124 0.72 9.38 -6.28
C PHE A 124 -0.21 9.40 -5.05
N ILE A 125 0.30 9.88 -3.92
CA ILE A 125 -0.50 9.99 -2.71
C ILE A 125 -1.69 10.93 -2.94
N GLU A 126 -1.43 12.03 -3.63
CA GLU A 126 -2.46 13.02 -3.93
C GLU A 126 -3.49 12.44 -4.89
N GLU A 127 -3.00 11.79 -5.94
CA GLU A 127 -3.86 11.17 -6.95
C GLU A 127 -4.76 10.10 -6.34
N THR A 128 -4.19 9.29 -5.45
CA THR A 128 -4.95 8.20 -4.84
C THR A 128 -5.91 8.72 -3.75
N SER A 129 -5.57 9.81 -3.08
CA SER A 129 -6.47 10.46 -2.15
C SER A 129 -7.74 10.94 -2.87
N LEU A 130 -7.58 11.49 -4.07
CA LEU A 130 -8.73 11.85 -4.90
C LEU A 130 -9.45 10.62 -5.42
N ARG A 131 -8.69 9.63 -5.88
CA ARG A 131 -9.31 8.45 -6.46
C ARG A 131 -10.25 7.73 -5.50
N TYR A 132 -9.81 7.55 -4.26
CA TYR A 132 -10.58 6.76 -3.28
C TYR A 132 -11.37 7.61 -2.29
N SER A 133 -11.45 8.91 -2.53
CA SER A 133 -12.11 9.85 -1.62
C SER A 133 -11.63 9.72 -0.19
N LEU A 134 -10.31 9.74 -0.01
CA LEU A 134 -9.73 9.75 1.33
C LEU A 134 -9.76 11.16 1.90
N SER A 135 -9.79 11.28 3.22
N SER A 135 -9.77 11.26 3.23
CA SER A 135 -9.55 12.55 3.88
CA SER A 135 -9.56 12.52 3.93
C SER A 135 -8.13 12.57 4.38
C SER A 135 -8.11 12.57 4.40
N LEU A 136 -7.25 13.16 3.58
CA LEU A 136 -5.82 13.13 3.83
C LEU A 136 -5.35 14.19 4.81
N TYR A 137 -4.59 13.76 5.81
CA TYR A 137 -3.78 14.63 6.66
C TYR A 137 -2.32 14.30 6.34
N GLU A 138 -1.52 15.34 6.12
CA GLU A 138 -0.08 15.17 5.91
C GLU A 138 0.67 15.92 7.01
N SER A 139 1.65 15.25 7.59
CA SER A 139 2.59 15.93 8.49
C SER A 139 3.43 16.91 7.67
N ASP A 140 4.10 17.82 8.38
CA ASP A 140 4.82 18.91 7.73
C ASP A 140 6.21 18.45 7.35
N ARG A 141 6.46 18.30 6.04
CA ARG A 141 7.77 17.81 5.58
C ARG A 141 8.92 18.77 5.88
N ASP A 142 8.61 20.03 6.17
CA ASP A 142 9.62 21.04 6.48
C ASP A 142 9.84 21.21 8.00
N LYS A 143 9.26 20.32 8.81
CA LYS A 143 9.54 20.28 10.25
CA LYS A 143 9.53 20.26 10.25
C LYS A 143 10.48 19.11 10.58
N CYS A 144 11.57 19.39 11.28
CA CYS A 144 12.53 18.36 11.65
C CYS A 144 12.01 17.68 12.92
N GLU A 145 11.44 16.49 12.76
CA GLU A 145 10.77 15.79 13.86
C GLU A 145 10.73 14.30 13.58
N THR A 146 10.60 13.53 14.65
CA THR A 146 10.49 12.07 14.54
C THR A 146 9.06 11.68 14.18
N MET A 147 8.91 10.43 13.77
CA MET A 147 7.61 9.90 13.38
C MET A 147 6.65 9.99 14.56
N ALA A 148 7.15 9.65 15.74
CA ALA A 148 6.35 9.70 16.97
C ALA A 148 5.84 11.11 17.19
N GLU A 149 6.73 12.08 17.04
CA GLU A 149 6.37 13.49 17.18
C GLU A 149 5.31 13.89 16.16
N ALA A 150 5.46 13.47 14.91
CA ALA A 150 4.46 13.77 13.87
C ALA A 150 3.10 13.19 14.21
N PHE A 151 3.10 11.96 14.72
CA PHE A 151 1.83 11.34 15.13
C PHE A 151 1.26 11.99 16.40
N GLU A 152 2.13 12.47 17.30
CA GLU A 152 1.67 13.18 18.49
C GLU A 152 0.88 14.42 18.11
N THR A 153 1.38 15.16 17.11
CA THR A 153 0.65 16.30 16.57
C THR A 153 -0.64 15.85 15.88
N PHE A 154 -0.59 14.74 15.15
CA PHE A 154 -1.79 14.18 14.51
C PHE A 154 -2.88 13.85 15.54
N LEU A 155 -2.46 13.30 16.68
CA LEU A 155 -3.42 12.97 17.76
C LEU A 155 -4.03 14.22 18.42
N GLN A 156 -3.25 15.31 18.48
CA GLN A 156 -3.76 16.59 19.01
C GLN A 156 -4.87 17.15 18.11
N VAL A 157 -4.73 16.96 16.80
CA VAL A 157 -5.76 17.37 15.85
C VAL A 157 -6.96 16.43 15.91
N PHE A 158 -6.70 15.13 16.04
CA PHE A 158 -7.75 14.11 16.04
C PHE A 158 -7.75 13.27 17.31
N PRO A 159 -8.17 13.86 18.44
CA PRO A 159 -8.08 13.16 19.73
C PRO A 159 -9.00 11.93 19.86
N GLU A 160 -9.95 11.78 18.94
CA GLU A 160 -10.88 10.66 18.92
C GLU A 160 -10.27 9.35 18.39
N THR A 161 -9.05 9.43 17.85
CA THR A 161 -8.41 8.28 17.22
C THR A 161 -8.01 7.29 18.29
N LYS A 162 -8.45 6.04 18.12
CA LYS A 162 -8.11 4.95 19.05
CA LYS A 162 -8.12 4.95 19.04
C LYS A 162 -7.17 3.93 18.42
N ALA A 163 -7.11 3.87 17.09
CA ALA A 163 -6.31 2.87 16.40
C ALA A 163 -5.93 3.36 15.01
N ILE A 164 -4.79 2.87 14.51
CA ILE A 164 -4.28 3.29 13.22
C ILE A 164 -3.82 2.07 12.42
N VAL A 165 -4.29 1.98 11.19
CA VAL A 165 -3.94 0.89 10.30
C VAL A 165 -2.58 1.17 9.69
N ILE A 166 -1.67 0.21 9.80
N ILE A 166 -1.68 0.18 9.77
CA ILE A 166 -0.29 0.39 9.39
CA ILE A 166 -0.31 0.32 9.30
C ILE A 166 0.09 -0.69 8.38
C ILE A 166 0.04 -0.83 8.37
N GLY A 167 0.50 -0.24 7.19
N GLY A 167 0.72 -0.52 7.28
CA GLY A 167 0.90 -1.15 6.14
CA GLY A 167 0.95 -1.51 6.22
C GLY A 167 2.36 -1.52 6.32
C GLY A 167 2.34 -2.11 6.25
N ILE A 168 2.60 -2.65 6.96
N ILE A 168 2.82 -2.45 7.43
CA ILE A 168 3.97 -3.10 7.19
CA ILE A 168 4.13 -3.07 7.55
C ILE A 168 3.98 -4.62 7.23
C ILE A 168 4.03 -4.59 7.35
N ARG A 169 5.09 -5.20 6.82
CA ARG A 169 5.22 -6.65 6.71
CA ARG A 169 5.21 -6.66 6.70
C ARG A 169 6.31 -7.16 7.65
N HIS A 170 6.25 -8.44 8.02
CA HIS A 170 7.28 -9.01 8.90
C HIS A 170 8.69 -8.88 8.31
N THR A 171 8.80 -8.93 6.98
CA THR A 171 10.09 -8.81 6.31
C THR A 171 10.65 -7.40 6.26
N ASP A 172 9.84 -6.39 6.57
CA ASP A 172 10.30 -5.02 6.55
C ASP A 172 11.19 -4.76 7.75
N PRO A 173 12.02 -3.72 7.69
CA PRO A 173 12.79 -3.34 8.87
C PRO A 173 11.87 -3.09 10.06
N PHE A 174 12.26 -3.56 11.24
CA PHE A 174 11.46 -3.46 12.47
C PHE A 174 10.14 -4.20 12.39
N GLY A 175 10.06 -5.21 11.52
CA GLY A 175 8.83 -5.96 11.33
C GLY A 175 8.77 -7.28 12.08
N GLU A 176 9.90 -7.74 12.62
CA GLU A 176 9.97 -9.09 13.17
C GLU A 176 9.03 -9.36 14.33
N HIS A 177 9.03 -8.43 15.29
N HIS A 177 8.96 -8.46 15.31
CA HIS A 177 8.31 -8.56 16.55
CA HIS A 177 8.24 -8.79 16.54
C HIS A 177 7.08 -7.65 16.55
C HIS A 177 6.75 -8.42 16.53
N LEU A 178 6.21 -7.89 15.58
N LEU A 178 6.30 -7.73 15.49
CA LEU A 178 4.96 -7.18 15.48
CA LEU A 178 4.95 -7.17 15.44
C LEU A 178 3.83 -8.18 15.46
C LEU A 178 3.83 -8.20 15.50
N LYS A 179 2.66 -7.75 15.91
CA LYS A 179 1.46 -8.58 15.90
CA LYS A 179 1.44 -8.56 15.96
C LYS A 179 0.32 -7.81 15.26
N PRO A 180 -0.74 -8.52 14.82
CA PRO A 180 -1.81 -7.81 14.11
C PRO A 180 -2.50 -6.69 14.90
N ILE A 181 -2.59 -6.86 16.21
CA ILE A 181 -3.17 -5.85 17.10
C ILE A 181 -2.17 -5.62 18.23
N GLN A 182 -1.73 -4.39 18.37
CA GLN A 182 -0.60 -4.09 19.23
C GLN A 182 -0.55 -2.62 19.63
N LYS A 183 -0.50 -2.34 20.94
CA LYS A 183 -0.39 -0.95 21.38
C LYS A 183 0.91 -0.33 20.91
N THR A 184 0.93 0.98 20.74
CA THR A 184 2.13 1.69 20.36
C THR A 184 3.21 1.67 21.46
N ALA A 185 4.42 2.05 21.06
CA ALA A 185 5.55 2.23 21.95
C ALA A 185 5.30 3.35 22.96
N ALA A 186 6.02 3.31 24.06
CA ALA A 186 5.82 4.26 25.16
C ALA A 186 6.04 5.72 24.75
N ASN A 187 6.95 5.95 23.79
CA ASN A 187 7.24 7.30 23.29
C ASN A 187 6.37 7.76 22.12
N TRP A 188 5.34 6.99 21.81
CA TRP A 188 4.33 7.39 20.84
C TRP A 188 3.09 7.88 21.56
N PRO A 189 2.21 8.59 20.85
CA PRO A 189 0.85 8.74 21.33
C PRO A 189 0.20 7.36 21.55
N ASP A 190 -0.77 7.30 22.46
CA ASP A 190 -1.37 6.05 22.85
C ASP A 190 -2.48 5.66 21.88
N PHE A 191 -2.20 4.70 21.01
CA PHE A 191 -3.23 4.06 20.19
C PHE A 191 -2.89 2.59 19.92
N TYR A 192 -3.85 1.85 19.40
CA TYR A 192 -3.62 0.47 18.94
C TYR A 192 -3.14 0.51 17.49
N ARG A 193 -1.99 -0.11 17.22
CA ARG A 193 -1.57 -0.37 15.85
C ARG A 193 -2.34 -1.56 15.33
N LEU A 194 -2.94 -1.39 14.15
CA LEU A 194 -3.63 -2.45 13.44
C LEU A 194 -2.78 -2.81 12.24
N GLN A 195 -2.25 -4.03 12.21
CA GLN A 195 -1.22 -4.44 11.28
C GLN A 195 -1.65 -5.72 10.57
N PRO A 196 -2.56 -5.59 9.59
CA PRO A 196 -3.17 -6.75 8.97
C PRO A 196 -2.46 -7.31 7.76
N LEU A 197 -1.28 -6.78 7.44
CA LEU A 197 -0.50 -7.22 6.28
C LEU A 197 0.80 -7.94 6.64
N LEU A 198 0.98 -8.28 7.92
CA LEU A 198 2.29 -8.75 8.40
C LEU A 198 2.79 -10.01 7.68
N HIS A 199 1.85 -10.91 7.38
CA HIS A 199 2.12 -12.23 6.80
C HIS A 199 2.30 -12.23 5.28
N TRP A 200 2.09 -11.08 4.65
CA TRP A 200 2.27 -10.94 3.20
C TRP A 200 3.75 -10.96 2.84
N ASN A 201 4.07 -11.68 1.76
CA ASN A 201 5.40 -11.70 1.18
C ASN A 201 5.39 -10.77 -0.06
N LEU A 202 6.58 -10.42 -0.53
CA LEU A 202 6.72 -9.54 -1.69
C LEU A 202 5.98 -10.09 -2.91
N ALA A 203 6.08 -11.39 -3.17
CA ALA A 203 5.40 -11.99 -4.34
C ALA A 203 3.88 -11.84 -4.26
N ASN A 204 3.34 -11.93 -3.05
CA ASN A 204 1.91 -11.77 -2.84
C ASN A 204 1.49 -10.33 -3.11
N ILE A 205 2.29 -9.40 -2.62
CA ILE A 205 2.05 -7.98 -2.89
C ILE A 205 1.94 -7.72 -4.40
N TRP A 206 2.93 -8.16 -5.18
CA TRP A 206 2.92 -7.91 -6.63
C TRP A 206 1.75 -8.59 -7.33
N SER A 207 1.46 -9.83 -6.92
CA SER A 207 0.39 -10.59 -7.55
C SER A 207 -0.94 -9.86 -7.43
N PHE A 208 -1.28 -9.46 -6.22
CA PHE A 208 -2.56 -8.81 -5.96
C PHE A 208 -2.60 -7.42 -6.61
N LEU A 209 -1.53 -6.67 -6.47
CA LEU A 209 -1.49 -5.32 -6.99
C LEU A 209 -1.62 -5.30 -8.52
N LEU A 210 -0.93 -6.21 -9.21
CA LEU A 210 -0.99 -6.28 -10.67
C LEU A 210 -2.36 -6.72 -11.14
N TYR A 211 -2.93 -7.72 -10.48
CA TYR A 211 -4.29 -8.19 -10.80
C TYR A 211 -5.35 -7.10 -10.61
N SER A 212 -5.19 -6.28 -9.57
CA SER A 212 -6.20 -5.28 -9.24
C SER A 212 -6.49 -4.31 -10.40
N ASN A 213 -5.50 -4.09 -11.26
CA ASN A 213 -5.59 -3.10 -12.34
C ASN A 213 -5.90 -1.69 -11.80
N GLU A 214 -5.49 -1.43 -10.57
CA GLU A 214 -5.53 -0.08 -10.00
C GLU A 214 -4.21 0.62 -10.31
N PRO A 215 -4.24 1.95 -10.46
CA PRO A 215 -2.98 2.68 -10.64
C PRO A 215 -2.06 2.49 -9.44
N ILE A 216 -0.78 2.29 -9.70
CA ILE A 216 0.23 2.13 -8.67
C ILE A 216 1.31 3.18 -8.88
N CYS A 217 2.15 3.42 -7.88
CA CYS A 217 3.21 4.39 -8.05
C CYS A 217 4.10 3.94 -9.21
N GLU A 218 4.19 4.77 -10.26
CA GLU A 218 4.86 4.38 -11.49
CA GLU A 218 4.86 4.30 -11.48
C GLU A 218 6.38 4.20 -11.36
N LEU A 219 6.96 4.59 -10.23
CA LEU A 219 8.39 4.32 -10.03
C LEU A 219 8.68 2.81 -10.10
N TYR A 220 7.77 1.96 -9.65
CA TYR A 220 8.02 0.52 -9.70
C TYR A 220 8.25 0.02 -11.12
N ARG A 221 7.60 0.66 -12.08
CA ARG A 221 7.71 0.29 -13.50
C ARG A 221 9.13 0.48 -14.03
N TYR A 222 9.88 1.39 -13.38
CA TYR A 222 11.21 1.75 -13.82
C TYR A 222 12.33 0.98 -13.09
N GLY A 223 11.99 -0.02 -12.30
CA GLY A 223 12.99 -0.89 -11.68
C GLY A 223 13.15 -0.74 -10.18
N PHE A 224 12.46 0.23 -9.60
CA PHE A 224 12.43 0.38 -8.15
C PHE A 224 11.62 -0.75 -7.51
N THR A 225 12.15 -1.32 -6.42
CA THR A 225 11.43 -2.34 -5.65
C THR A 225 11.08 -1.86 -4.23
N SER A 226 11.76 -0.82 -3.77
CA SER A 226 11.48 -0.23 -2.46
C SER A 226 11.75 1.26 -2.56
N LEU A 227 10.75 2.05 -2.20
CA LEU A 227 10.82 3.49 -2.30
C LEU A 227 11.27 4.07 -0.97
N GLY A 228 12.59 4.17 -0.81
CA GLY A 228 13.15 4.92 0.29
C GLY A 228 13.24 6.36 -0.15
N ASN A 229 14.19 7.09 0.41
CA ASN A 229 14.30 8.51 0.10
C ASN A 229 15.06 8.73 -1.21
N VAL A 230 14.98 9.96 -1.72
CA VAL A 230 15.54 10.28 -3.03
C VAL A 230 17.05 10.21 -3.11
N GLU A 231 17.72 10.42 -1.97
CA GLU A 231 19.17 10.43 -1.95
C GLU A 231 19.76 9.01 -1.92
N GLU A 232 19.06 8.07 -1.27
CA GLU A 232 19.60 6.72 -1.06
C GLU A 232 19.14 5.72 -2.12
N THR A 233 17.96 5.96 -2.70
CA THR A 233 17.26 4.91 -3.46
C THR A 233 17.60 4.87 -4.94
N LEU A 234 17.92 3.67 -5.42
CA LEU A 234 18.17 3.44 -6.84
C LEU A 234 17.29 2.30 -7.31
N PRO A 235 17.12 2.18 -8.63
CA PRO A 235 16.51 0.97 -9.16
C PRO A 235 17.30 -0.24 -8.70
N ASN A 236 16.62 -1.36 -8.50
CA ASN A 236 17.25 -2.53 -7.91
C ASN A 236 18.30 -3.12 -8.86
N PRO A 237 19.57 -3.21 -8.40
CA PRO A 237 20.60 -3.71 -9.31
C PRO A 237 20.38 -5.16 -9.76
N HIS A 238 19.62 -5.93 -8.98
CA HIS A 238 19.27 -7.30 -9.37
C HIS A 238 18.32 -7.34 -10.56
N LEU A 239 17.70 -6.19 -10.89
CA LEU A 239 16.82 -6.09 -12.05
C LEU A 239 17.45 -5.37 -13.23
N ARG A 240 18.76 -5.09 -13.16
CA ARG A 240 19.41 -4.39 -14.26
C ARG A 240 19.51 -5.31 -15.48
N LYS A 241 19.17 -4.78 -16.64
CA LYS A 241 19.21 -5.55 -17.89
C LYS A 241 20.63 -5.58 -18.41
N ASP A 242 21.10 -6.77 -18.75
CA ASP A 242 22.45 -6.96 -19.26
C ASP A 242 22.45 -8.19 -20.13
N LYS A 243 22.87 -8.01 -21.38
CA LYS A 243 22.98 -9.11 -22.35
C LYS A 243 23.70 -10.35 -21.80
N ASN A 244 24.67 -10.12 -20.92
CA ASN A 244 25.48 -11.20 -20.32
C ASN A 244 24.95 -11.75 -19.00
N SER A 245 23.75 -11.32 -18.60
CA SER A 245 23.06 -11.90 -17.44
C SER A 245 21.90 -12.76 -17.94
N THR A 246 21.60 -13.83 -17.22
CA THR A 246 20.43 -14.66 -17.51
C THR A 246 19.18 -13.77 -17.46
N PRO A 247 18.36 -13.75 -18.53
CA PRO A 247 17.12 -12.98 -18.47
C PRO A 247 16.23 -13.42 -17.32
N LEU A 248 15.54 -12.46 -16.71
CA LEU A 248 14.65 -12.76 -15.59
C LEU A 248 13.28 -13.18 -16.12
N LYS A 249 12.66 -14.12 -15.42
CA LYS A 249 11.35 -14.61 -15.81
CA LYS A 249 11.34 -14.63 -15.80
C LYS A 249 10.25 -13.93 -14.99
N LEU A 250 9.11 -13.74 -15.61
CA LEU A 250 7.99 -13.08 -14.96
C LEU A 250 7.08 -14.10 -14.30
N ASN A 251 6.82 -13.90 -13.01
CA ASN A 251 5.95 -14.80 -12.24
C ASN A 251 4.48 -14.41 -12.27
N PHE A 252 4.16 -13.26 -12.87
CA PHE A 252 2.83 -12.67 -12.76
C PHE A 252 2.18 -12.45 -14.13
N GLU A 253 2.52 -13.31 -15.09
CA GLU A 253 1.99 -13.18 -16.44
CA GLU A 253 1.99 -13.20 -16.44
C GLU A 253 0.47 -13.31 -16.44
N TRP A 254 -0.05 -14.27 -15.68
CA TRP A 254 -1.50 -14.49 -15.69
C TRP A 254 -2.24 -13.30 -15.11
N GLU A 255 -1.76 -12.80 -13.97
CA GLU A 255 -2.40 -11.68 -13.30
C GLU A 255 -2.46 -10.47 -14.22
N ILE A 256 -1.39 -10.21 -14.96
CA ILE A 256 -1.32 -9.04 -15.82
C ILE A 256 -2.26 -9.20 -17.02
N GLU A 257 -2.17 -10.35 -17.67
CA GLU A 257 -2.98 -10.63 -18.87
C GLU A 257 -4.48 -10.74 -18.56
N ASN A 258 -4.80 -11.15 -17.34
CA ASN A 258 -6.18 -11.35 -16.92
C ASN A 258 -6.61 -10.41 -15.79
N ARG A 259 -5.99 -9.23 -15.73
CA ARG A 259 -6.26 -8.29 -14.64
C ARG A 259 -7.70 -7.82 -14.64
N TYR A 260 -8.17 -7.42 -13.46
CA TYR A 260 -9.56 -7.04 -13.23
C TYR A 260 -10.03 -5.99 -14.24
N LYS A 261 -11.13 -6.27 -14.93
CA LYS A 261 -11.69 -5.34 -15.91
CA LYS A 261 -11.65 -5.31 -15.89
C LYS A 261 -12.63 -4.33 -15.26
N HIS A 262 -12.37 -3.04 -15.46
CA HIS A 262 -13.17 -1.96 -14.90
C HIS A 262 -14.41 -1.69 -15.75
N ASN A 263 -15.40 -1.08 -15.11
CA ASN A 263 -16.59 -0.58 -15.80
C ASN A 263 -16.39 0.91 -16.15
N GLU A 264 -17.46 1.60 -16.54
CA GLU A 264 -17.39 3.04 -16.83
C GLU A 264 -17.18 3.92 -15.58
N VAL A 265 -17.70 3.46 -14.45
CA VAL A 265 -17.59 4.17 -13.17
C VAL A 265 -16.20 4.01 -12.51
N THR A 266 -15.41 3.03 -12.94
CA THR A 266 -14.17 2.67 -12.24
C THR A 266 -12.89 2.69 -13.10
N LYS A 267 -12.95 3.25 -14.31
CA LYS A 267 -11.80 3.25 -15.24
C LYS A 267 -10.53 3.87 -14.66
N ALA A 268 -9.37 3.39 -15.13
CA ALA A 268 -8.07 3.76 -14.55
C ALA A 268 -6.98 3.90 -15.60
N GLU A 269 -5.95 4.69 -15.26
CA GLU A 269 -4.79 4.90 -16.12
C GLU A 269 -3.52 5.11 -15.28
N PRO A 270 -2.38 4.54 -15.72
CA PRO A 270 -1.14 4.87 -15.01
C PRO A 270 -0.78 6.34 -15.19
N ILE A 271 -0.31 6.98 -14.14
CA ILE A 271 0.14 8.36 -14.25
C ILE A 271 1.66 8.33 -14.41
N PRO A 272 2.18 9.02 -15.44
CA PRO A 272 3.61 8.93 -15.62
C PRO A 272 4.39 9.52 -14.47
N ILE A 273 5.62 9.07 -14.31
CA ILE A 273 6.47 9.57 -13.23
C ILE A 273 6.73 11.04 -13.40
N ALA A 274 7.10 11.70 -12.30
CA ALA A 274 7.44 13.11 -12.32
C ALA A 274 8.64 13.33 -13.24
N ASP A 275 8.66 14.48 -13.93
N ASP A 275 8.69 14.47 -13.93
CA ASP A 275 9.75 14.84 -14.84
CA ASP A 275 9.80 14.71 -14.85
C ASP A 275 11.11 14.70 -14.15
C ASP A 275 11.14 14.66 -14.14
N GLU A 276 11.21 15.22 -12.93
CA GLU A 276 12.47 15.21 -12.17
C GLU A 276 12.95 13.78 -11.89
N ASP A 277 12.02 12.85 -11.72
CA ASP A 277 12.35 11.45 -11.51
C ASP A 277 12.78 10.75 -12.81
N LEU A 278 12.13 11.06 -13.93
CA LEU A 278 12.58 10.53 -15.21
C LEU A 278 14.01 10.96 -15.51
N VAL A 279 14.33 12.23 -15.26
CA VAL A 279 15.68 12.73 -15.49
C VAL A 279 16.69 11.92 -14.67
N LYS A 280 16.37 11.65 -13.40
CA LYS A 280 17.26 10.87 -12.55
C LYS A 280 17.43 9.45 -13.08
N ILE A 281 16.35 8.87 -13.58
CA ILE A 281 16.40 7.52 -14.14
C ILE A 281 17.19 7.48 -15.45
N GLU A 282 16.97 8.47 -16.32
CA GLU A 282 17.66 8.53 -17.61
C GLU A 282 19.17 8.74 -17.44
N ASN A 283 19.54 9.51 -16.43
CA ASN A 283 20.94 9.80 -16.12
C ASN A 283 21.77 8.54 -15.77
N LEU A 284 21.10 7.46 -15.35
CA LEU A 284 21.79 6.20 -15.03
C LEU A 284 22.37 5.50 -16.24
N HIS A 285 21.81 5.76 -17.42
CA HIS A 285 22.23 5.12 -18.67
C HIS A 285 22.19 3.59 -18.57
N GLU A 286 21.18 3.09 -17.86
CA GLU A 286 20.97 1.64 -17.69
C GLU A 286 19.46 1.41 -17.77
N ASP A 287 19.04 0.20 -18.07
CA ASP A 287 17.63 -0.12 -18.07
C ASP A 287 17.36 -1.26 -17.10
N TYR A 288 16.16 -1.27 -16.55
CA TYR A 288 15.78 -2.25 -15.52
C TYR A 288 14.45 -2.91 -15.85
N TYR A 289 14.33 -4.18 -15.49
CA TYR A 289 13.02 -4.81 -15.42
C TYR A 289 12.21 -4.09 -14.36
N PRO A 290 10.89 -4.03 -14.53
CA PRO A 290 10.08 -3.45 -13.46
C PRO A 290 10.14 -4.24 -12.17
N GLY A 291 9.76 -3.59 -11.08
CA GLY A 291 9.95 -4.11 -9.72
C GLY A 291 9.38 -5.49 -9.47
N TRP A 292 8.29 -5.80 -10.17
CA TRP A 292 7.62 -7.08 -10.02
C TRP A 292 8.38 -8.27 -10.64
N TYR A 293 9.57 -8.03 -11.20
CA TYR A 293 10.47 -9.12 -11.56
C TYR A 293 11.33 -9.56 -10.36
N LEU A 294 11.22 -8.84 -9.24
CA LEU A 294 11.83 -9.28 -7.98
C LEU A 294 10.79 -9.93 -7.06
N VAL A 295 11.09 -11.13 -6.60
CA VAL A 295 10.22 -11.82 -5.65
C VAL A 295 10.95 -12.29 -4.38
N ASP A 296 12.24 -12.00 -4.28
CA ASP A 296 13.03 -12.33 -3.09
C ASP A 296 12.95 -11.18 -2.07
N ASP A 297 12.23 -11.42 -0.97
CA ASP A 297 12.06 -10.40 0.08
C ASP A 297 13.38 -9.86 0.64
N LYS A 298 14.43 -10.69 0.67
CA LYS A 298 15.73 -10.30 1.22
C LYS A 298 16.45 -9.25 0.38
N LEU A 299 16.05 -9.12 -0.88
CA LEU A 299 16.69 -8.19 -1.80
C LEU A 299 15.81 -6.98 -2.12
N GLU A 300 14.68 -6.86 -1.44
CA GLU A 300 13.74 -5.75 -1.69
C GLU A 300 14.36 -4.34 -1.57
N ARG A 301 15.28 -4.18 -0.61
CA ARG A 301 15.94 -2.89 -0.39
C ARG A 301 17.39 -2.85 -0.88
N ALA A 302 17.73 -3.72 -1.84
CA ALA A 302 19.08 -3.78 -2.44
C ALA A 302 19.47 -2.54 -3.25
N GLY A 303 18.49 -1.84 -3.79
CA GLY A 303 18.75 -0.67 -4.63
C GLY A 303 19.00 0.57 -3.79
N ARG A 304 20.26 0.71 -3.34
CA ARG A 304 20.70 1.76 -2.40
C ARG A 304 22.10 2.30 -2.72
N ILE A 305 22.30 3.59 -2.51
CA ILE A 305 23.64 4.21 -2.66
C ILE A 305 24.56 3.66 -1.58
N LYS A 306 25.81 3.39 -1.93
CA LYS A 306 26.77 2.86 -0.95
CA LYS A 306 26.77 2.86 -0.96
C LYS A 306 27.15 3.93 0.07
N LYS A 307 27.07 3.58 1.35
CA LYS A 307 27.45 4.45 2.46
C LYS A 307 28.44 3.72 3.34
N LYS A 308 29.38 4.44 3.93
CA LYS A 308 30.29 3.85 4.92
C LYS A 308 29.54 3.62 6.23
C2 BGC B . -13.19 -0.88 23.74
C3 BGC B . -11.85 -0.35 24.22
C4 BGC B . -10.79 -1.45 24.13
C5 BGC B . -10.80 -2.14 22.76
C6 BGC B . -9.88 -3.37 22.75
C1 BGC B . -13.02 -1.42 22.33
O1 BGC B . -14.30 -1.79 21.82
O2 BGC B . -14.19 0.16 23.76
O3 BGC B . -11.99 0.13 25.56
O4 BGC B . -9.49 -0.90 24.38
O5 BGC B . -12.13 -2.54 22.39
O6 BGC B . -10.53 -4.47 23.37
CL CL C . 7.98 0.46 -1.46
#